data_6G49
#
_entry.id   6G49
#
_cell.length_a   71.640
_cell.length_b   71.640
_cell.length_c   164.260
_cell.angle_alpha   90.00
_cell.angle_beta   90.00
_cell.angle_gamma   90.00
#
_symmetry.space_group_name_H-M   'P 43 21 2'
#
loop_
_entity.id
_entity.type
_entity.pdbx_description
1 polymer 'Protein-glutamine gamma-glutamyltransferase'
2 non-polymer 'PHOSPHATE ION'
3 non-polymer 'CHLORIDE ION'
4 water water
#
_entity_poly.entity_id   1
_entity_poly.type   'polypeptide(L)'
_entity_poly.pdbx_seq_one_letter_code
;MGSDKIHHHHHHHHHHGVRLGPLWSLPMPGNKGVTGLSESMAPGDIAELGRSAELAFRVRFEGALPPREQLYWRALTMER
FDGRRWAQAPQWSGEDALHWQKRGPELRYDVIMQPSSQPWLFALDVAQTDQTDTRLMSDFHLQRRQPVEQRLFYRVSSWP
QALRESSIDPRTRWRNLQLPMHGNPRARALADELRQAHAQPQALVAALLQRFNHEPFAYTLKPPATGADGVDDFLFDTRS
GFCAHYAGAMAFVLRAAGIPARVVAGYQGGELNPAGNYLLVHQFDAHAWVEYWQPEQGWLSVDPTYQVAPERIEQGLEQA
LAGDSEYLADAPLSPLRY
;
_entity_poly.pdbx_strand_id   A
#
loop_
_chem_comp.id
_chem_comp.type
_chem_comp.name
_chem_comp.formula
CL non-polymer 'CHLORIDE ION' 'Cl -1'
PO4 non-polymer 'PHOSPHATE ION' 'O4 P -3'
#
# COMPACT_ATOMS: atom_id res chain seq x y z
N VAL A 34 0.18 18.63 11.92
CA VAL A 34 1.29 17.74 11.43
C VAL A 34 0.74 16.97 10.21
N THR A 35 1.10 17.46 9.01
CA THR A 35 0.80 16.79 7.72
C THR A 35 1.35 15.36 7.72
N GLY A 36 0.60 14.42 7.15
CA GLY A 36 1.07 13.03 7.13
C GLY A 36 -0.08 12.09 6.87
N LEU A 37 0.23 10.80 6.77
CA LEU A 37 -0.77 9.79 6.59
C LEU A 37 -1.61 9.69 7.85
N SER A 38 -2.89 9.38 7.67
CA SER A 38 -3.74 9.08 8.80
C SER A 38 -4.35 7.69 8.61
N GLU A 39 -5.24 7.32 9.54
CA GLU A 39 -5.72 5.96 9.66
C GLU A 39 -6.76 5.63 8.59
N SER A 40 -7.25 6.64 7.85
CA SER A 40 -8.27 6.37 6.83
C SER A 40 -7.94 7.22 5.59
N MET A 41 -8.51 6.86 4.48
CA MET A 41 -8.42 7.72 3.35
CA MET A 41 -8.26 7.57 3.19
C MET A 41 -9.51 7.43 2.32
N ALA A 42 -9.98 8.55 1.78
CA ALA A 42 -10.82 8.55 0.64
C ALA A 42 -9.96 8.78 -0.60
N PRO A 43 -10.31 8.22 -1.77
CA PRO A 43 -9.66 8.61 -3.03
C PRO A 43 -9.67 10.15 -3.10
N GLY A 44 -8.48 10.71 -3.32
CA GLY A 44 -8.26 12.16 -3.24
C GLY A 44 -7.41 12.58 -2.07
N ASP A 45 -7.41 11.82 -0.98
CA ASP A 45 -6.77 12.25 0.20
C ASP A 45 -5.25 12.11 0.06
N ILE A 46 -4.77 11.11 -0.69
CA ILE A 46 -3.32 10.95 -0.84
C ILE A 46 -2.81 12.00 -1.83
N ALA A 47 -3.63 12.38 -2.80
CA ALA A 47 -3.30 13.44 -3.73
C ALA A 47 -3.02 14.72 -2.95
N GLU A 48 -3.79 14.98 -1.88
CA GLU A 48 -3.49 16.17 -1.05
C GLU A 48 -2.06 16.10 -0.48
N LEU A 49 -1.56 14.93 -0.05
CA LEU A 49 -0.14 14.75 0.35
C LEU A 49 0.82 14.88 -0.84
N GLY A 50 0.37 14.49 -2.02
CA GLY A 50 1.13 14.61 -3.24
C GLY A 50 1.54 16.05 -3.50
N ARG A 51 0.82 16.98 -2.87
CA ARG A 51 0.99 18.42 -3.01
C ARG A 51 1.84 19.00 -1.88
N SER A 52 2.31 18.19 -0.91
CA SER A 52 3.14 18.65 0.22
C SER A 52 4.60 18.23 0.00
N ALA A 53 5.53 19.17 0.20
CA ALA A 53 6.97 18.89 0.17
C ALA A 53 7.56 18.80 1.57
N GLU A 54 6.76 18.61 2.62
CA GLU A 54 7.30 18.43 3.89
C GLU A 54 8.04 17.10 3.94
N LEU A 55 9.07 17.08 4.77
CA LEU A 55 9.84 15.84 4.94
C LEU A 55 9.10 14.84 5.83
N ALA A 56 9.09 13.56 5.42
CA ALA A 56 8.55 12.52 6.23
C ALA A 56 9.61 11.75 7.02
N PHE A 57 10.67 11.31 6.33
CA PHE A 57 11.75 10.54 6.99
C PHE A 57 12.97 10.55 6.07
N ARG A 58 14.09 10.08 6.62
CA ARG A 58 15.34 9.95 5.92
C ARG A 58 15.82 8.53 6.20
N VAL A 59 16.57 7.95 5.28
CA VAL A 59 17.00 6.56 5.37
C VAL A 59 18.44 6.44 4.90
N ARG A 60 19.21 5.65 5.64
CA ARG A 60 20.58 5.32 5.27
C ARG A 60 20.71 3.79 5.27
N PHE A 61 21.10 3.19 4.14
CA PHE A 61 21.25 1.77 4.03
C PHE A 61 22.67 1.34 4.42
N GLU A 62 22.82 0.15 5.01
CA GLU A 62 24.18 -0.40 5.29
CA GLU A 62 24.17 -0.42 5.30
C GLU A 62 24.95 -0.62 3.99
N GLY A 63 24.31 -1.20 2.99
CA GLY A 63 24.95 -1.44 1.67
C GLY A 63 24.43 -0.50 0.59
N ALA A 64 24.29 -1.05 -0.62
CA ALA A 64 23.88 -0.29 -1.80
C ALA A 64 22.38 0.02 -1.65
N LEU A 65 21.99 1.16 -2.21
CA LEU A 65 20.61 1.54 -2.22
C LEU A 65 19.86 0.51 -3.06
N PRO A 66 18.74 -0.11 -2.62
CA PRO A 66 17.97 -0.94 -3.53
C PRO A 66 17.44 -0.13 -4.70
N PRO A 67 17.09 -0.78 -5.83
CA PRO A 67 16.43 -0.10 -6.93
C PRO A 67 15.12 0.58 -6.48
N ARG A 68 14.75 1.67 -7.15
CA ARG A 68 13.62 2.47 -6.71
C ARG A 68 12.34 1.66 -6.67
N GLU A 69 12.26 0.66 -7.55
CA GLU A 69 11.05 -0.13 -7.74
C GLU A 69 10.78 -0.95 -6.50
N GLN A 70 11.79 -1.16 -5.64
CA GLN A 70 11.64 -1.92 -4.47
C GLN A 70 11.33 -1.05 -3.24
N LEU A 71 11.37 0.28 -3.36
CA LEU A 71 11.30 1.16 -2.21
C LEU A 71 9.83 1.46 -1.86
N TYR A 72 9.15 0.41 -1.47
CA TYR A 72 7.79 0.48 -0.91
C TYR A 72 7.86 0.50 0.60
N TRP A 73 7.72 1.69 1.16
CA TRP A 73 7.76 1.96 2.58
C TRP A 73 6.38 1.77 3.21
N ARG A 74 6.11 0.58 3.76
CA ARG A 74 4.81 0.31 4.39
CA ARG A 74 4.86 0.28 4.38
C ARG A 74 4.70 1.14 5.66
N ALA A 75 3.52 1.78 5.83
CA ALA A 75 3.12 2.42 7.08
C ALA A 75 2.03 1.64 7.77
N LEU A 76 0.92 1.39 7.05
CA LEU A 76 -0.21 0.68 7.68
C LEU A 76 -1.01 0.01 6.56
N THR A 77 -1.96 -0.84 6.95
CA THR A 77 -2.97 -1.37 6.04
C THR A 77 -4.32 -0.84 6.45
N MET A 78 -5.19 -0.75 5.43
CA MET A 78 -6.58 -0.33 5.60
CA MET A 78 -6.57 -0.34 5.61
C MET A 78 -7.46 -1.47 5.07
N GLU A 79 -8.16 -2.10 6.01
CA GLU A 79 -8.95 -3.30 5.75
C GLU A 79 -10.44 -3.06 5.72
N ARG A 80 -10.92 -1.89 6.07
CA ARG A 80 -12.36 -1.61 6.15
C ARG A 80 -12.71 -0.63 5.03
N PHE A 81 -13.70 -0.96 4.23
CA PHE A 81 -14.19 -0.04 3.21
C PHE A 81 -15.66 0.24 3.44
N ASP A 82 -16.03 1.53 3.58
CA ASP A 82 -17.43 1.90 3.94
C ASP A 82 -18.22 2.43 2.76
N GLY A 83 -17.66 2.32 1.56
CA GLY A 83 -18.26 2.83 0.35
C GLY A 83 -17.68 4.18 -0.06
N ARG A 84 -16.97 4.86 0.84
CA ARG A 84 -16.27 6.16 0.60
CA ARG A 84 -16.27 6.13 0.56
C ARG A 84 -14.77 6.05 0.95
N ARG A 85 -14.48 5.59 2.15
CA ARG A 85 -13.14 5.64 2.72
CA ARG A 85 -13.20 5.65 2.81
C ARG A 85 -12.69 4.24 3.08
N TRP A 86 -11.39 4.00 2.90
CA TRP A 86 -10.70 2.87 3.42
C TRP A 86 -10.11 3.24 4.79
N ALA A 87 -10.17 2.30 5.74
CA ALA A 87 -9.75 2.63 7.10
C ALA A 87 -9.08 1.44 7.79
N GLN A 88 -8.17 1.82 8.68
CA GLN A 88 -7.48 0.85 9.55
C GLN A 88 -8.50 0.15 10.47
N ALA A 89 -8.29 -1.15 10.62
CA ALA A 89 -8.99 -2.00 11.63
C ALA A 89 -8.07 -2.21 12.82
N PRO A 90 -8.60 -2.60 13.99
CA PRO A 90 -7.73 -3.07 15.07
C PRO A 90 -6.93 -4.32 14.70
N GLN A 91 -5.71 -4.46 15.26
CA GLN A 91 -4.81 -5.59 14.92
CA GLN A 91 -4.84 -5.62 14.93
C GLN A 91 -4.41 -6.33 16.22
N TRP A 92 -3.78 -7.50 16.05
CA TRP A 92 -3.15 -8.25 17.14
C TRP A 92 -1.69 -8.50 16.72
N SER A 93 -0.94 -9.28 17.47
CA SER A 93 0.49 -9.51 17.20
C SER A 93 0.68 -10.28 15.89
N GLY A 94 1.71 -9.89 15.11
CA GLY A 94 2.14 -10.66 13.93
C GLY A 94 3.56 -11.24 14.07
N GLU A 95 4.18 -11.14 15.25
CA GLU A 95 5.55 -11.57 15.51
CA GLU A 95 5.59 -11.62 15.39
C GLU A 95 5.57 -13.05 15.93
N ASP A 96 5.20 -13.97 15.04
CA ASP A 96 5.21 -15.43 15.28
C ASP A 96 5.36 -16.13 13.93
N ALA A 97 5.71 -17.43 13.97
CA ALA A 97 6.06 -18.22 12.79
C ALA A 97 4.83 -18.59 11.95
N LEU A 98 3.64 -18.68 12.56
CA LEU A 98 2.39 -18.85 11.78
C LEU A 98 2.12 -17.58 10.97
N HIS A 99 2.61 -16.44 11.48
CA HIS A 99 2.39 -15.28 10.76
C HIS A 99 3.31 -15.27 9.54
N TRP A 100 4.62 -15.55 9.66
CA TRP A 100 5.54 -15.31 8.56
C TRP A 100 6.86 -16.08 8.75
N GLN A 101 7.59 -16.20 7.66
CA GLN A 101 8.84 -16.93 7.59
C GLN A 101 9.83 -16.08 6.79
N LYS A 102 10.97 -15.82 7.40
CA LYS A 102 12.07 -15.25 6.72
C LYS A 102 12.57 -16.12 5.59
N ARG A 103 12.74 -15.49 4.43
CA ARG A 103 13.50 -16.05 3.37
CA ARG A 103 13.31 -16.03 3.24
C ARG A 103 14.00 -14.89 2.51
N GLY A 104 15.04 -15.18 1.74
CA GLY A 104 15.62 -14.20 0.86
C GLY A 104 16.53 -13.22 1.60
N PRO A 105 16.97 -12.17 0.91
CA PRO A 105 17.99 -11.29 1.48
C PRO A 105 17.43 -10.44 2.62
N GLU A 106 18.26 -10.14 3.61
CA GLU A 106 17.96 -9.21 4.70
C GLU A 106 18.52 -7.85 4.30
N LEU A 107 17.69 -6.80 4.33
CA LEU A 107 18.13 -5.43 4.04
C LEU A 107 18.18 -4.70 5.39
N ARG A 108 19.30 -4.05 5.66
CA ARG A 108 19.56 -3.39 6.92
C ARG A 108 19.76 -1.88 6.68
N TYR A 109 19.04 -1.07 7.46
CA TYR A 109 19.06 0.32 7.26
C TYR A 109 18.63 1.05 8.53
N ASP A 110 19.00 2.33 8.62
CA ASP A 110 18.59 3.16 9.70
C ASP A 110 17.64 4.25 9.17
N VAL A 111 16.70 4.65 10.03
CA VAL A 111 15.68 5.66 9.68
C VAL A 111 15.71 6.76 10.73
N ILE A 112 15.60 7.99 10.30
CA ILE A 112 15.20 9.12 11.17
C ILE A 112 13.87 9.66 10.64
N MET A 113 12.83 9.53 11.46
CA MET A 113 11.47 9.92 11.12
C MET A 113 11.21 11.29 11.73
N GLN A 114 10.53 12.12 10.97
CA GLN A 114 9.97 13.36 11.48
C GLN A 114 8.72 13.03 12.26
N PRO A 115 8.28 13.90 13.18
CA PRO A 115 7.02 13.67 13.87
C PRO A 115 5.86 13.49 12.89
N SER A 116 5.09 12.41 13.14
CA SER A 116 3.90 12.06 12.32
C SER A 116 2.57 12.29 13.09
N SER A 117 2.65 12.38 14.41
CA SER A 117 1.50 12.32 15.31
C SER A 117 0.69 11.05 15.08
N GLN A 118 1.32 9.97 14.60
CA GLN A 118 0.71 8.69 14.41
C GLN A 118 1.63 7.60 14.94
N PRO A 119 1.11 6.44 15.35
CA PRO A 119 1.94 5.39 15.93
C PRO A 119 2.49 4.31 15.00
N TRP A 120 2.88 4.67 13.76
CA TRP A 120 3.33 3.76 12.74
CA TRP A 120 3.44 3.62 12.97
C TRP A 120 4.79 4.10 12.41
N LEU A 121 5.65 3.09 12.37
CA LEU A 121 7.01 3.30 11.85
C LEU A 121 7.02 2.83 10.40
N PHE A 122 7.72 3.58 9.57
CA PHE A 122 7.80 3.26 8.16
C PHE A 122 8.93 2.25 7.92
N ALA A 123 8.69 1.25 7.08
CA ALA A 123 9.73 0.27 6.79
C ALA A 123 9.33 -0.57 5.59
N LEU A 124 10.32 -1.09 4.89
CA LEU A 124 10.07 -2.10 3.84
C LEU A 124 9.56 -3.38 4.51
N ASP A 125 8.55 -3.99 3.87
CA ASP A 125 8.01 -5.27 4.34
CA ASP A 125 8.00 -5.29 4.26
C ASP A 125 9.08 -6.35 4.14
N VAL A 126 9.11 -7.41 5.02
CA VAL A 126 8.56 -7.50 6.34
C VAL A 126 9.65 -7.00 7.29
N ALA A 127 9.29 -6.10 8.18
CA ALA A 127 10.26 -5.39 8.99
C ALA A 127 10.34 -5.91 10.41
N GLN A 128 11.57 -5.79 10.95
CA GLN A 128 11.90 -5.89 12.38
C GLN A 128 12.71 -4.65 12.79
N THR A 129 12.54 -4.14 14.01
CA THR A 129 13.28 -2.94 14.42
C THR A 129 13.90 -3.23 15.77
N ASP A 130 14.76 -2.31 16.18
CA ASP A 130 15.35 -2.34 17.52
C ASP A 130 14.52 -1.56 18.55
N GLN A 131 13.31 -1.14 18.22
CA GLN A 131 12.48 -0.34 19.09
C GLN A 131 11.64 -1.30 19.94
N THR A 132 11.83 -1.26 21.28
CA THR A 132 11.17 -2.24 22.17
C THR A 132 9.71 -1.84 22.44
N ASP A 133 9.30 -0.65 22.01
CA ASP A 133 7.96 -0.16 22.21
C ASP A 133 7.15 -0.31 20.91
N THR A 134 7.71 -1.02 19.94
CA THR A 134 7.09 -1.15 18.57
C THR A 134 6.97 -2.62 18.23
N ARG A 135 5.81 -3.05 17.71
CA ARG A 135 5.57 -4.41 17.40
C ARG A 135 5.10 -4.58 15.96
N LEU A 136 5.53 -5.68 15.31
CA LEU A 136 5.01 -6.06 14.03
C LEU A 136 3.62 -6.66 14.26
N MET A 137 2.60 -6.04 13.68
CA MET A 137 1.22 -6.47 13.92
C MET A 137 0.79 -7.51 12.88
N SER A 138 -0.43 -8.04 13.03
CA SER A 138 -0.95 -9.13 12.25
C SER A 138 -1.05 -8.78 10.75
N ASP A 139 -1.14 -7.47 10.42
CA ASP A 139 -1.21 -7.03 9.03
C ASP A 139 0.18 -6.56 8.53
N PHE A 140 1.24 -6.93 9.26
CA PHE A 140 2.64 -6.71 8.86
C PHE A 140 2.97 -5.22 8.84
N HIS A 141 2.34 -4.41 9.67
CA HIS A 141 2.79 -3.04 9.88
C HIS A 141 3.31 -2.92 11.31
N LEU A 142 4.17 -1.92 11.49
CA LEU A 142 4.82 -1.64 12.77
C LEU A 142 4.00 -0.62 13.56
N GLN A 143 3.48 -1.03 14.73
CA GLN A 143 2.67 -0.19 15.58
C GLN A 143 3.51 0.11 16.83
N ARG A 144 3.69 1.39 17.08
CA ARG A 144 4.36 1.92 18.26
C ARG A 144 3.32 2.14 19.37
N ARG A 145 3.75 2.05 20.64
CA ARG A 145 2.79 2.17 21.73
CA ARG A 145 2.92 2.24 21.82
C ARG A 145 2.24 3.60 21.83
N GLN A 146 2.99 4.62 21.39
CA GLN A 146 2.55 5.97 21.38
C GLN A 146 2.83 6.58 20.01
N PRO A 147 2.11 7.65 19.66
CA PRO A 147 2.37 8.32 18.39
C PRO A 147 3.74 8.97 18.38
N VAL A 148 4.31 9.10 17.18
CA VAL A 148 5.63 9.72 17.03
C VAL A 148 5.47 11.24 17.02
N GLU A 149 5.81 11.88 18.16
CA GLU A 149 5.63 13.31 18.31
C GLU A 149 6.97 14.06 18.37
N GLN A 150 8.08 13.32 18.35
CA GLN A 150 9.38 13.92 18.22
C GLN A 150 10.15 13.14 17.15
N ARG A 151 11.22 13.75 16.63
CA ARG A 151 12.12 13.00 15.75
C ARG A 151 12.52 11.70 16.42
N LEU A 152 12.63 10.62 15.63
CA LEU A 152 12.91 9.33 16.11
C LEU A 152 13.90 8.61 15.19
N PHE A 153 15.02 8.15 15.79
CA PHE A 153 15.98 7.29 15.05
C PHE A 153 15.66 5.84 15.38
N TYR A 154 15.68 4.96 14.38
CA TYR A 154 15.51 3.56 14.62
C TYR A 154 16.21 2.75 13.55
N ARG A 155 16.55 1.53 13.93
CA ARG A 155 17.28 0.59 13.09
C ARG A 155 16.34 -0.50 12.64
N VAL A 156 16.48 -0.90 11.38
CA VAL A 156 15.55 -1.85 10.75
C VAL A 156 16.33 -2.96 10.04
N SER A 157 15.74 -4.16 10.04
CA SER A 157 16.01 -5.24 9.14
C SER A 157 14.70 -5.63 8.45
N SER A 158 14.75 -5.73 7.13
CA SER A 158 13.56 -6.16 6.35
C SER A 158 13.92 -7.38 5.49
N TRP A 159 12.91 -8.22 5.28
CA TRP A 159 12.95 -9.38 4.39
C TRP A 159 11.86 -9.24 3.34
N PRO A 160 12.14 -8.60 2.21
CA PRO A 160 11.11 -8.30 1.22
C PRO A 160 10.49 -9.58 0.63
N GLN A 161 11.25 -10.68 0.64
CA GLN A 161 10.79 -12.00 0.06
C GLN A 161 10.16 -12.89 1.11
N ALA A 162 9.93 -12.38 2.34
CA ALA A 162 9.37 -13.19 3.40
C ALA A 162 8.04 -13.78 2.96
N LEU A 163 7.76 -15.03 3.37
CA LEU A 163 6.44 -15.64 3.15
C LEU A 163 5.50 -15.15 4.24
N ARG A 164 4.38 -14.58 3.82
CA ARG A 164 3.42 -14.01 4.74
C ARG A 164 2.09 -14.72 4.84
N GLU A 165 1.86 -15.28 6.02
CA GLU A 165 0.60 -15.92 6.33
C GLU A 165 0.19 -16.94 5.25
N SER A 166 0.99 -17.98 5.03
CA SER A 166 0.65 -19.02 4.07
C SER A 166 -0.68 -19.69 4.45
N SER A 167 -0.96 -19.82 5.75
CA SER A 167 -2.28 -20.18 6.31
C SER A 167 -2.89 -18.98 7.01
N ILE A 168 -4.08 -18.59 6.60
CA ILE A 168 -4.66 -17.30 7.03
C ILE A 168 -5.61 -17.58 8.20
N ASP A 169 -5.52 -16.74 9.21
CA ASP A 169 -6.46 -16.74 10.27
C ASP A 169 -7.86 -16.51 9.69
N PRO A 170 -8.88 -17.31 10.04
CA PRO A 170 -10.23 -17.10 9.49
C PRO A 170 -10.83 -15.72 9.71
N ARG A 171 -10.51 -15.05 10.81
CA ARG A 171 -10.99 -13.70 11.07
C ARG A 171 -10.36 -12.73 10.06
N THR A 172 -9.06 -12.90 9.82
CA THR A 172 -8.35 -12.05 8.85
C THR A 172 -8.90 -12.23 7.44
N ARG A 173 -9.13 -13.48 7.07
CA ARG A 173 -9.75 -13.82 5.80
C ARG A 173 -11.12 -13.12 5.66
N TRP A 174 -11.99 -13.28 6.67
CA TRP A 174 -13.30 -12.73 6.64
C TRP A 174 -13.25 -11.20 6.52
N ARG A 175 -12.41 -10.58 7.33
CA ARG A 175 -12.27 -9.12 7.38
C ARG A 175 -11.87 -8.60 5.99
N ASN A 176 -11.03 -9.37 5.28
CA ASN A 176 -10.48 -8.92 4.01
C ASN A 176 -11.33 -9.33 2.82
N LEU A 177 -12.57 -9.81 3.11
CA LEU A 177 -13.59 -9.97 2.08
C LEU A 177 -14.76 -9.01 2.29
N GLN A 178 -14.65 -8.10 3.23
CA GLN A 178 -15.69 -7.16 3.62
C GLN A 178 -15.95 -6.13 2.53
N LEU A 179 -17.20 -5.95 2.14
CA LEU A 179 -17.64 -4.80 1.33
C LEU A 179 -19.01 -4.35 1.84
N PRO A 180 -19.40 -3.09 1.58
CA PRO A 180 -20.80 -2.72 1.77
C PRO A 180 -21.67 -3.58 0.86
N MET A 181 -22.90 -3.85 1.30
CA MET A 181 -23.81 -4.59 0.48
C MET A 181 -24.28 -3.74 -0.71
N HIS A 182 -24.44 -2.44 -0.47
CA HIS A 182 -25.01 -1.53 -1.48
C HIS A 182 -23.89 -0.70 -2.10
N GLY A 183 -24.17 -0.20 -3.31
CA GLY A 183 -23.20 0.68 -3.93
C GLY A 183 -22.28 -0.06 -4.89
N ASN A 184 -21.80 0.66 -5.93
CA ASN A 184 -20.84 0.17 -6.92
C ASN A 184 -21.25 -1.12 -7.58
N PRO A 185 -22.49 -1.20 -8.13
CA PRO A 185 -22.94 -2.42 -8.78
C PRO A 185 -22.12 -2.77 -10.05
N ARG A 186 -21.63 -1.76 -10.77
CA ARG A 186 -20.86 -2.05 -11.99
C ARG A 186 -19.56 -2.81 -11.63
N ALA A 187 -18.88 -2.35 -10.58
CA ALA A 187 -17.64 -2.96 -10.17
C ALA A 187 -17.88 -4.40 -9.67
N ARG A 188 -19.00 -4.61 -8.98
CA ARG A 188 -19.38 -5.93 -8.55
CA ARG A 188 -19.39 -5.94 -8.54
C ARG A 188 -19.63 -6.84 -9.76
N ALA A 189 -20.29 -6.29 -10.79
CA ALA A 189 -20.51 -7.08 -12.04
C ALA A 189 -19.19 -7.47 -12.71
N LEU A 190 -18.25 -6.52 -12.77
CA LEU A 190 -16.94 -6.81 -13.30
C LEU A 190 -16.28 -7.94 -12.50
N ALA A 191 -16.32 -7.85 -11.16
CA ALA A 191 -15.71 -8.84 -10.30
C ALA A 191 -16.30 -10.24 -10.58
N ASP A 192 -17.61 -10.27 -10.75
CA ASP A 192 -18.32 -11.53 -11.10
C ASP A 192 -17.82 -12.14 -12.41
N GLU A 193 -17.66 -11.29 -13.41
CA GLU A 193 -17.22 -11.70 -14.74
CA GLU A 193 -17.21 -11.71 -14.73
C GLU A 193 -15.78 -12.21 -14.62
N LEU A 194 -14.93 -11.45 -13.87
CA LEU A 194 -13.58 -11.90 -13.73
C LEU A 194 -13.49 -13.25 -13.00
N ARG A 195 -14.28 -13.43 -11.94
CA ARG A 195 -14.26 -14.65 -11.13
CA ARG A 195 -14.25 -14.66 -11.12
C ARG A 195 -14.64 -15.86 -11.99
N GLN A 196 -15.64 -15.67 -12.84
CA GLN A 196 -16.11 -16.74 -13.78
C GLN A 196 -15.05 -17.04 -14.82
N ALA A 197 -14.27 -16.04 -15.27
CA ALA A 197 -13.26 -16.22 -16.28
C ALA A 197 -11.94 -16.76 -15.72
N HIS A 198 -11.61 -16.50 -14.44
CA HIS A 198 -10.26 -16.81 -13.91
C HIS A 198 -10.39 -17.47 -12.55
N ALA A 199 -10.21 -18.79 -12.56
CA ALA A 199 -10.27 -19.61 -11.37
C ALA A 199 -9.11 -19.29 -10.42
N GLN A 200 -7.93 -19.06 -11.00
CA GLN A 200 -6.72 -18.87 -10.23
C GLN A 200 -6.61 -17.39 -9.88
N PRO A 201 -6.45 -17.07 -8.57
CA PRO A 201 -6.32 -15.66 -8.15
C PRO A 201 -5.26 -14.92 -8.97
N GLN A 202 -4.08 -15.53 -9.21
CA GLN A 202 -3.00 -14.84 -9.88
C GLN A 202 -3.39 -14.40 -11.30
N ALA A 203 -4.14 -15.24 -11.99
CA ALA A 203 -4.70 -14.93 -13.27
C ALA A 203 -5.74 -13.82 -13.19
N LEU A 204 -6.58 -13.81 -12.14
CA LEU A 204 -7.58 -12.79 -12.06
C LEU A 204 -6.88 -11.42 -11.83
N VAL A 205 -5.94 -11.40 -10.89
CA VAL A 205 -5.15 -10.19 -10.58
C VAL A 205 -4.51 -9.68 -11.88
N ALA A 206 -3.88 -10.58 -12.64
CA ALA A 206 -3.25 -10.15 -13.94
C ALA A 206 -4.27 -9.54 -14.90
N ALA A 207 -5.47 -10.11 -14.99
CA ALA A 207 -6.48 -9.61 -15.89
C ALA A 207 -6.92 -8.20 -15.46
N LEU A 208 -7.05 -8.00 -14.12
CA LEU A 208 -7.40 -6.72 -13.64
C LEU A 208 -6.31 -5.68 -13.92
N LEU A 209 -5.04 -6.05 -13.68
CA LEU A 209 -3.91 -5.13 -13.97
C LEU A 209 -3.93 -4.76 -15.45
N GLN A 210 -4.31 -5.72 -16.31
CA GLN A 210 -4.34 -5.49 -17.74
CA GLN A 210 -4.32 -5.46 -17.73
C GLN A 210 -5.38 -4.42 -18.09
N ARG A 211 -6.49 -4.34 -17.36
CA ARG A 211 -7.50 -3.34 -17.64
C ARG A 211 -6.92 -1.93 -17.43
N PHE A 212 -6.13 -1.76 -16.37
CA PHE A 212 -5.54 -0.49 -16.14
C PHE A 212 -4.49 -0.17 -17.22
N ASN A 213 -3.79 -1.21 -17.66
CA ASN A 213 -2.72 -1.01 -18.62
C ASN A 213 -3.29 -0.61 -19.99
N HIS A 214 -4.37 -1.24 -20.43
CA HIS A 214 -4.89 -1.02 -21.82
C HIS A 214 -5.90 0.12 -21.97
N GLU A 215 -6.65 0.48 -20.91
CA GLU A 215 -7.67 1.48 -20.98
C GLU A 215 -7.02 2.82 -20.72
N PRO A 216 -7.67 3.91 -21.14
CA PRO A 216 -7.07 5.24 -21.08
C PRO A 216 -7.15 5.89 -19.70
N PHE A 217 -6.53 5.21 -18.73
CA PHE A 217 -6.46 5.73 -17.35
C PHE A 217 -5.41 6.84 -17.29
N ALA A 218 -5.72 7.83 -16.49
CA ALA A 218 -4.91 8.94 -16.15
C ALA A 218 -4.52 8.86 -14.67
N TYR A 219 -3.27 9.21 -14.41
CA TYR A 219 -2.68 9.33 -13.07
C TYR A 219 -2.47 10.83 -12.86
N THR A 220 -3.20 11.41 -11.92
CA THR A 220 -3.20 12.87 -11.73
C THR A 220 -3.34 13.22 -10.23
N LEU A 221 -2.76 14.35 -9.86
CA LEU A 221 -2.88 14.91 -8.54
C LEU A 221 -4.17 15.72 -8.44
N LYS A 222 -4.92 15.89 -9.53
CA LYS A 222 -6.16 16.61 -9.53
C LYS A 222 -7.21 15.78 -10.19
N PRO A 223 -7.56 14.62 -9.58
CA PRO A 223 -8.58 13.77 -10.11
C PRO A 223 -9.97 14.40 -10.08
N PRO A 224 -10.79 14.08 -11.08
CA PRO A 224 -12.17 14.52 -11.11
C PRO A 224 -12.98 13.91 -9.95
N ALA A 225 -13.94 14.69 -9.46
CA ALA A 225 -14.87 14.26 -8.43
C ALA A 225 -15.71 13.09 -8.96
N THR A 226 -16.04 12.18 -8.03
CA THR A 226 -16.95 11.08 -8.33
C THR A 226 -18.18 11.22 -7.43
N GLY A 227 -19.25 10.51 -7.79
CA GLY A 227 -20.48 10.46 -7.03
C GLY A 227 -20.43 9.32 -6.02
N ALA A 228 -21.61 8.89 -5.60
CA ALA A 228 -21.74 7.95 -4.49
C ALA A 228 -21.16 6.57 -4.86
N ASP A 229 -21.32 6.16 -6.12
CA ASP A 229 -20.75 4.94 -6.63
C ASP A 229 -19.34 5.25 -7.13
N GLY A 230 -18.44 5.56 -6.20
CA GLY A 230 -17.13 6.13 -6.52
C GLY A 230 -16.21 5.16 -7.25
N VAL A 231 -16.27 3.87 -6.89
CA VAL A 231 -15.44 2.91 -7.56
C VAL A 231 -15.93 2.76 -9.01
N ASP A 232 -17.24 2.61 -9.22
CA ASP A 232 -17.79 2.51 -10.60
C ASP A 232 -17.37 3.76 -11.42
N ASP A 233 -17.58 4.93 -10.84
CA ASP A 233 -17.35 6.22 -11.55
C ASP A 233 -15.88 6.29 -12.02
N PHE A 234 -14.96 5.92 -11.12
CA PHE A 234 -13.55 5.89 -11.46
C PHE A 234 -13.25 4.82 -12.51
N LEU A 235 -13.68 3.57 -12.34
CA LEU A 235 -13.25 2.51 -13.26
C LEU A 235 -13.85 2.65 -14.67
N PHE A 236 -15.08 3.17 -14.76
CA PHE A 236 -15.87 3.04 -16.02
C PHE A 236 -16.21 4.41 -16.63
N ASP A 237 -16.12 5.50 -15.87
CA ASP A 237 -16.51 6.86 -16.34
C ASP A 237 -15.29 7.76 -16.46
N THR A 238 -14.68 8.16 -15.34
CA THR A 238 -13.61 9.15 -15.35
C THR A 238 -12.29 8.51 -15.79
N ARG A 239 -12.01 7.27 -15.33
CA ARG A 239 -10.70 6.63 -15.48
C ARG A 239 -9.57 7.58 -15.16
N SER A 240 -9.73 8.34 -14.09
CA SER A 240 -8.74 9.32 -13.71
C SER A 240 -8.65 9.41 -12.19
N GLY A 241 -7.45 9.34 -11.67
CA GLY A 241 -7.27 9.37 -10.22
C GLY A 241 -5.83 9.41 -9.80
N PHE A 242 -5.60 9.36 -8.47
CA PHE A 242 -4.31 9.20 -7.90
C PHE A 242 -4.25 7.81 -7.24
N CYS A 243 -3.20 7.54 -6.47
CA CYS A 243 -2.93 6.13 -6.10
C CYS A 243 -4.09 5.54 -5.29
N ALA A 244 -4.78 6.32 -4.47
CA ALA A 244 -5.89 5.73 -3.64
C ALA A 244 -7.07 5.29 -4.51
N HIS A 245 -7.35 5.99 -5.62
CA HIS A 245 -8.35 5.54 -6.57
C HIS A 245 -7.99 4.15 -7.09
N TYR A 246 -6.76 3.93 -7.55
CA TYR A 246 -6.37 2.71 -8.17
C TYR A 246 -6.31 1.58 -7.13
N ALA A 247 -5.68 1.86 -5.99
CA ALA A 247 -5.52 0.83 -4.96
C ALA A 247 -6.90 0.40 -4.40
N GLY A 248 -7.72 1.39 -4.07
CA GLY A 248 -9.06 1.14 -3.50
C GLY A 248 -9.92 0.43 -4.48
N ALA A 249 -9.88 0.84 -5.76
CA ALA A 249 -10.74 0.15 -6.74
C ALA A 249 -10.28 -1.27 -7.00
N MET A 250 -8.97 -1.51 -7.06
CA MET A 250 -8.48 -2.82 -7.26
CA MET A 250 -8.48 -2.84 -7.27
C MET A 250 -8.84 -3.71 -6.06
N ALA A 251 -8.63 -3.21 -4.85
CA ALA A 251 -8.97 -4.00 -3.67
C ALA A 251 -10.47 -4.33 -3.65
N PHE A 252 -11.30 -3.36 -4.00
CA PHE A 252 -12.77 -3.56 -4.09
C PHE A 252 -13.09 -4.73 -5.01
N VAL A 253 -12.56 -4.68 -6.23
CA VAL A 253 -12.90 -5.68 -7.24
C VAL A 253 -12.40 -7.05 -6.80
N LEU A 254 -11.19 -7.13 -6.21
CA LEU A 254 -10.68 -8.42 -5.72
C LEU A 254 -11.59 -9.00 -4.63
N ARG A 255 -12.01 -8.19 -3.69
CA ARG A 255 -12.85 -8.68 -2.63
C ARG A 255 -14.18 -9.13 -3.22
N ALA A 256 -14.71 -8.38 -4.19
CA ALA A 256 -16.02 -8.74 -4.80
C ALA A 256 -15.88 -10.03 -5.60
N ALA A 257 -14.69 -10.41 -6.05
CA ALA A 257 -14.41 -11.63 -6.76
C ALA A 257 -14.05 -12.79 -5.80
N GLY A 258 -14.09 -12.54 -4.49
CA GLY A 258 -13.81 -13.57 -3.49
C GLY A 258 -12.34 -13.76 -3.15
N ILE A 259 -11.48 -12.75 -3.44
CA ILE A 259 -10.04 -12.79 -3.18
C ILE A 259 -9.80 -11.85 -2.01
N PRO A 260 -9.29 -12.31 -0.84
CA PRO A 260 -9.05 -11.40 0.27
C PRO A 260 -7.96 -10.40 -0.17
N ALA A 261 -8.22 -9.12 0.12
CA ALA A 261 -7.34 -8.05 -0.36
C ALA A 261 -7.47 -6.87 0.58
N ARG A 262 -6.39 -6.05 0.65
CA ARG A 262 -6.45 -4.87 1.50
C ARG A 262 -5.55 -3.81 0.85
N VAL A 263 -5.84 -2.57 1.21
CA VAL A 263 -5.01 -1.44 0.77
C VAL A 263 -3.84 -1.29 1.73
N VAL A 264 -2.66 -1.10 1.14
CA VAL A 264 -1.44 -0.81 1.89
C VAL A 264 -1.14 0.68 1.67
N ALA A 265 -0.90 1.41 2.74
CA ALA A 265 -0.58 2.82 2.65
C ALA A 265 0.83 3.04 3.21
N GLY A 266 1.51 3.99 2.61
CA GLY A 266 2.88 4.35 3.03
C GLY A 266 3.47 5.33 2.07
N TYR A 267 4.72 5.08 1.66
CA TYR A 267 5.42 5.96 0.76
C TYR A 267 6.10 5.07 -0.29
N GLN A 268 6.37 5.63 -1.46
CA GLN A 268 7.12 4.87 -2.47
C GLN A 268 8.23 5.79 -2.99
N GLY A 269 9.45 5.25 -2.95
CA GLY A 269 10.58 5.91 -3.59
C GLY A 269 11.40 6.67 -2.60
N GLY A 270 11.76 7.88 -2.99
CA GLY A 270 12.62 8.73 -2.20
C GLY A 270 13.57 9.51 -3.07
N GLU A 271 14.23 10.50 -2.48
CA GLU A 271 15.16 11.36 -3.17
C GLU A 271 16.57 11.22 -2.60
N LEU A 272 17.51 10.87 -3.44
CA LEU A 272 18.88 10.67 -2.98
C LEU A 272 19.71 11.94 -2.74
N ASN A 273 20.33 12.02 -1.57
CA ASN A 273 21.22 13.13 -1.23
C ASN A 273 22.66 12.57 -1.27
N PRO A 274 23.37 12.74 -2.39
CA PRO A 274 24.70 12.15 -2.50
C PRO A 274 25.73 12.83 -1.59
N ALA A 275 25.47 14.06 -1.17
CA ALA A 275 26.38 14.78 -0.21
C ALA A 275 26.34 14.10 1.16
N GLY A 276 25.18 13.54 1.56
CA GLY A 276 25.03 12.92 2.87
C GLY A 276 24.91 11.43 2.87
N ASN A 277 24.79 10.79 1.69
CA ASN A 277 24.62 9.40 1.52
C ASN A 277 23.35 8.88 2.22
N TYR A 278 22.24 9.58 1.96
CA TYR A 278 20.95 9.11 2.50
C TYR A 278 19.85 9.45 1.50
N LEU A 279 18.71 8.77 1.70
CA LEU A 279 17.49 9.04 0.97
CA LEU A 279 17.52 9.03 0.98
C LEU A 279 16.56 9.90 1.82
N LEU A 280 16.00 10.94 1.21
CA LEU A 280 14.89 11.68 1.77
C LEU A 280 13.59 11.10 1.20
N VAL A 281 12.59 11.07 2.05
CA VAL A 281 11.23 10.70 1.64
C VAL A 281 10.32 11.84 2.10
N HIS A 282 9.76 12.55 1.14
CA HIS A 282 8.84 13.67 1.45
C HIS A 282 7.39 13.20 1.39
N GLN A 283 6.50 14.09 1.83
CA GLN A 283 5.08 13.75 1.85
C GLN A 283 4.60 13.50 0.42
N PHE A 284 5.18 14.12 -0.61
CA PHE A 284 4.74 13.90 -1.97
C PHE A 284 4.99 12.47 -2.44
N ASP A 285 5.82 11.72 -1.73
CA ASP A 285 6.07 10.31 -2.03
C ASP A 285 5.00 9.40 -1.41
N ALA A 286 3.98 9.95 -0.76
CA ALA A 286 2.90 9.13 -0.14
C ALA A 286 2.25 8.31 -1.24
N HIS A 287 1.96 7.05 -0.91
CA HIS A 287 1.50 6.10 -1.92
C HIS A 287 0.60 5.05 -1.26
N ALA A 288 -0.22 4.45 -2.10
CA ALA A 288 -1.14 3.38 -1.71
C ALA A 288 -1.11 2.30 -2.76
N TRP A 289 -1.08 1.04 -2.33
CA TRP A 289 -1.05 -0.08 -3.18
C TRP A 289 -1.93 -1.21 -2.57
N VAL A 290 -1.76 -2.41 -3.08
CA VAL A 290 -2.67 -3.54 -2.73
C VAL A 290 -1.82 -4.73 -2.31
N GLU A 291 -2.39 -5.55 -1.43
CA GLU A 291 -1.93 -6.95 -1.28
C GLU A 291 -3.16 -7.85 -1.21
N TYR A 292 -2.98 -9.05 -1.74
CA TYR A 292 -4.04 -10.03 -1.78
C TYR A 292 -3.47 -11.37 -1.29
N TRP A 293 -4.40 -12.24 -0.90
CA TRP A 293 -4.03 -13.50 -0.29
C TRP A 293 -4.50 -14.65 -1.16
N GLN A 294 -3.67 -15.68 -1.15
CA GLN A 294 -4.09 -16.98 -1.73
C GLN A 294 -3.43 -18.08 -0.93
N PRO A 295 -4.03 -19.28 -0.95
CA PRO A 295 -3.42 -20.43 -0.28
C PRO A 295 -1.98 -20.68 -0.71
N GLU A 296 -1.17 -21.05 0.28
CA GLU A 296 0.22 -21.47 0.11
C GLU A 296 1.16 -20.29 -0.15
N GLN A 297 0.84 -19.44 -1.12
CA GLN A 297 1.71 -18.32 -1.44
C GLN A 297 1.58 -17.19 -0.39
N GLY A 298 0.47 -17.16 0.33
CA GLY A 298 0.19 -16.14 1.28
C GLY A 298 -0.08 -14.79 0.60
N TRP A 299 0.28 -13.71 1.31
CA TRP A 299 0.01 -12.34 0.82
C TRP A 299 1.07 -11.97 -0.23
N LEU A 300 0.61 -11.39 -1.35
CA LEU A 300 1.47 -10.82 -2.36
C LEU A 300 1.04 -9.39 -2.63
N SER A 301 2.03 -8.49 -2.75
CA SER A 301 1.73 -7.09 -3.00
C SER A 301 1.74 -6.81 -4.49
N VAL A 302 0.87 -5.90 -4.91
CA VAL A 302 0.74 -5.52 -6.30
CA VAL A 302 0.72 -5.51 -6.30
C VAL A 302 0.41 -4.01 -6.32
N ASP A 303 0.90 -3.32 -7.37
CA ASP A 303 0.69 -1.87 -7.43
C ASP A 303 0.06 -1.50 -8.77
N PRO A 304 -1.26 -1.26 -8.81
CA PRO A 304 -1.94 -0.95 -10.06
C PRO A 304 -1.44 0.36 -10.70
N THR A 305 -0.89 1.25 -9.90
CA THR A 305 -0.51 2.51 -10.52
CA THR A 305 -0.37 2.53 -10.38
C THR A 305 0.71 2.25 -11.42
N TYR A 306 1.45 1.17 -11.19
CA TYR A 306 2.57 0.83 -12.07
C TYR A 306 2.09 0.64 -13.54
N GLN A 307 0.83 0.20 -13.73
CA GLN A 307 0.25 -0.06 -15.02
C GLN A 307 -0.05 1.24 -15.79
N VAL A 308 -0.23 2.34 -15.07
CA VAL A 308 -0.67 3.61 -15.64
CA VAL A 308 -0.67 3.61 -15.68
C VAL A 308 0.47 4.63 -15.64
N ALA A 309 1.28 4.62 -14.60
CA ALA A 309 2.33 5.63 -14.40
C ALA A 309 3.60 4.95 -13.97
N PRO A 310 4.17 4.04 -14.82
CA PRO A 310 5.39 3.35 -14.45
C PRO A 310 6.55 4.29 -14.13
N GLU A 311 6.62 5.43 -14.81
CA GLU A 311 7.64 6.45 -14.57
C GLU A 311 7.62 6.94 -13.11
N ARG A 312 6.45 7.05 -12.52
CA ARG A 312 6.27 7.43 -11.10
CA ARG A 312 6.39 7.53 -11.13
C ARG A 312 7.09 6.49 -10.21
N ILE A 313 6.99 5.18 -10.51
CA ILE A 313 7.67 4.20 -9.72
C ILE A 313 9.17 4.20 -10.03
N GLU A 314 9.52 4.31 -11.32
CA GLU A 314 10.88 4.11 -11.72
CA GLU A 314 10.87 4.13 -11.76
C GLU A 314 11.70 5.40 -11.48
N GLN A 315 11.04 6.55 -11.50
CA GLN A 315 11.72 7.92 -11.46
CA GLN A 315 11.88 7.79 -11.31
C GLN A 315 11.41 8.68 -10.16
N GLY A 316 10.23 8.45 -9.55
CA GLY A 316 9.71 9.25 -8.39
C GLY A 316 8.68 10.26 -8.82
N LEU A 317 7.75 10.69 -7.92
CA LEU A 317 6.60 11.54 -8.39
CA LEU A 317 6.68 11.55 -8.28
C LEU A 317 7.15 12.89 -8.92
N GLU A 318 8.16 13.45 -8.31
CA GLU A 318 8.41 14.84 -8.75
CA GLU A 318 8.66 14.83 -8.62
C GLU A 318 9.19 14.86 -10.07
N GLN A 319 9.65 13.67 -10.53
CA GLN A 319 10.21 13.48 -11.87
C GLN A 319 9.13 13.03 -12.84
N ALA A 320 7.89 13.01 -12.40
CA ALA A 320 6.84 12.57 -13.27
C ALA A 320 5.68 13.51 -13.22
N LEU A 321 5.35 13.97 -12.02
CA LEU A 321 4.22 14.85 -11.88
C LEU A 321 4.40 16.13 -11.11
P PO4 B . 18.04 3.42 19.11
O1 PO4 B . 17.01 2.73 20.00
O2 PO4 B . 17.64 4.87 18.97
O3 PO4 B . 18.06 2.84 17.72
O4 PO4 B . 19.46 3.21 19.67
P PO4 C . 24.30 2.51 8.68
O1 PO4 C . 23.11 2.39 7.76
O2 PO4 C . 24.38 3.91 9.27
O3 PO4 C . 23.94 1.45 9.75
O4 PO4 C . 25.65 2.39 7.94
P PO4 D . -11.26 -16.79 -7.89
O1 PO4 D . -12.22 -17.12 -9.04
O2 PO4 D . -10.07 -16.11 -8.61
O3 PO4 D . -10.82 -18.13 -7.32
O4 PO4 D . -12.03 -16.20 -6.69
P PO4 E . -23.07 7.72 -9.40
O1 PO4 E . -24.20 7.15 -8.57
O2 PO4 E . -22.85 6.78 -10.58
O3 PO4 E . -21.85 7.86 -8.50
O4 PO4 E . -23.33 9.14 -9.89
P PO4 F . 7.27 10.36 21.78
O1 PO4 F . 5.92 9.85 22.31
O2 PO4 F . 7.29 10.56 20.28
O3 PO4 F . 7.58 11.76 22.28
O4 PO4 F . 8.28 9.35 22.33
P PO4 G . 15.13 18.27 10.92
O1 PO4 G . 14.89 17.42 9.70
O2 PO4 G . 15.24 19.70 10.43
O3 PO4 G . 13.95 18.22 11.90
O4 PO4 G . 16.48 17.84 11.52
P PO4 H . 23.60 14.45 7.55
O1 PO4 H . 23.76 12.90 7.65
O2 PO4 H . 23.64 15.03 6.15
O3 PO4 H . 22.36 15.00 8.28
O4 PO4 H . 24.72 15.25 8.21
CL CL I . -5.53 9.82 -3.70
#